data_1PB8
#
_entry.id   1PB8
#
_cell.length_a   41.460
_cell.length_b   73.060
_cell.length_c   96.890
_cell.angle_alpha   90.00
_cell.angle_beta   90.00
_cell.angle_gamma   90.00
#
_symmetry.space_group_name_H-M   'P 21 21 21'
#
loop_
_entity.id
_entity.type
_entity.pdbx_description
1 polymer 'N-methyl-D-aspartate Receptor Subunit 1'
2 non-polymer D-SERINE
3 water water
#
_entity_poly.entity_id   1
_entity_poly.type   'polypeptide(L)'
_entity_poly.pdbx_seq_one_letter_code
;GMSTRLKIVTIHQEPFVYVKPTMSDGTCKEEFTVNGDPVKKVICTGPNDTSPGSPRHTVPQCCYGFCIDLLIKLARTMNF
TYEVHLVADGKFGTQERVNNSNKKEWNGMMGELLSGQADMIVAPLTINTERAQYIEFSKPFKYQGLTILVKKGTRITGIN
DPRLRNPSDKFIYATVKQSSVDIYFRRQVELSTMYRHMEKHNYESAAEAIQAVRDNKLHAFIWDSAVLEFEASQKCDLVT
TGELFFRSGFGIGMRKDSPWKQNVSLSILKSHENGFMEDLDKTWVRYQECDS
;
_entity_poly.pdbx_strand_id   A
#
# COMPACT_ATOMS: atom_id res chain seq x y z
N THR A 4 11.64 20.44 -13.74
CA THR A 4 10.97 19.70 -14.85
C THR A 4 10.68 18.26 -14.43
N ARG A 5 11.39 17.78 -13.43
CA ARG A 5 11.19 16.41 -12.97
C ARG A 5 9.93 16.27 -12.12
N LEU A 6 9.26 15.14 -12.28
CA LEU A 6 8.03 14.88 -11.55
C LEU A 6 8.29 14.58 -10.08
N LYS A 7 7.39 15.07 -9.23
CA LYS A 7 7.49 14.83 -7.80
C LYS A 7 6.66 13.56 -7.57
N ILE A 8 7.35 12.46 -7.27
CA ILE A 8 6.70 11.18 -7.03
C ILE A 8 6.54 10.95 -5.55
N VAL A 9 5.33 10.61 -5.10
CA VAL A 9 5.12 10.35 -3.69
C VAL A 9 4.82 8.86 -3.57
N THR A 10 5.36 8.25 -2.52
CA THR A 10 5.13 6.85 -2.28
C THR A 10 4.99 6.62 -0.79
N ILE A 11 4.93 5.35 -0.38
CA ILE A 11 4.72 5.02 1.03
C ILE A 11 5.40 3.69 1.32
N HIS A 12 5.83 3.50 2.57
CA HIS A 12 6.47 2.25 2.96
C HIS A 12 5.39 1.16 2.95
N GLN A 13 5.63 0.09 2.22
CA GLN A 13 4.66 -1.01 2.15
C GLN A 13 5.29 -2.20 1.45
N GLU A 14 5.93 -3.07 2.22
CA GLU A 14 6.58 -4.24 1.63
C GLU A 14 5.49 -5.17 1.09
N PRO A 15 5.76 -5.86 -0.03
CA PRO A 15 6.97 -5.88 -0.85
C PRO A 15 6.99 -4.86 -1.99
N PHE A 16 6.05 -3.93 -1.98
CA PHE A 16 5.97 -2.93 -3.04
C PHE A 16 6.98 -1.80 -2.88
N VAL A 17 7.17 -1.37 -1.63
CA VAL A 17 8.15 -0.33 -1.34
C VAL A 17 8.84 -0.60 -0.01
N TYR A 18 10.14 -0.91 -0.11
CA TYR A 18 10.98 -1.12 1.06
C TYR A 18 11.63 0.23 1.31
N VAL A 19 11.85 0.57 2.57
CA VAL A 19 12.49 1.83 2.95
C VAL A 19 13.58 1.49 3.97
N LYS A 20 14.82 1.85 3.65
CA LYS A 20 15.95 1.55 4.53
C LYS A 20 16.87 2.75 4.65
N PRO A 21 17.65 2.81 5.74
CA PRO A 21 18.57 3.93 5.91
C PRO A 21 19.69 3.85 4.89
N THR A 22 20.27 5.00 4.54
CA THR A 22 21.39 5.00 3.62
C THR A 22 22.59 4.55 4.43
N MET A 23 23.68 4.20 3.76
CA MET A 23 24.90 3.81 4.44
C MET A 23 25.45 5.09 5.04
N SER A 24 26.51 4.99 5.84
CA SER A 24 27.08 6.17 6.46
C SER A 24 27.55 7.22 5.45
N ASP A 25 27.93 6.78 4.26
CA ASP A 25 28.39 7.72 3.24
C ASP A 25 27.27 8.31 2.38
N GLY A 26 26.03 7.97 2.70
CA GLY A 26 24.91 8.50 1.96
C GLY A 26 24.41 7.67 0.78
N THR A 27 25.12 6.62 0.43
CA THR A 27 24.72 5.78 -0.69
C THR A 27 23.86 4.61 -0.20
N CYS A 28 23.36 3.81 -1.14
CA CYS A 28 22.53 2.66 -0.81
C CYS A 28 23.28 1.36 -0.97
N LYS A 29 23.12 0.46 0.01
CA LYS A 29 23.79 -0.83 -0.01
C LYS A 29 23.56 -1.59 -1.30
N GLU A 30 24.63 -2.20 -1.83
CA GLU A 30 24.52 -2.97 -3.05
C GLU A 30 23.96 -4.36 -2.73
N GLU A 31 22.77 -4.64 -3.25
CA GLU A 31 22.15 -5.94 -3.03
C GLU A 31 21.71 -6.53 -4.35
N PHE A 32 21.37 -7.81 -4.33
CA PHE A 32 20.96 -8.49 -5.54
C PHE A 32 19.65 -9.26 -5.36
N THR A 33 18.88 -9.34 -6.43
CA THR A 33 17.60 -10.04 -6.41
C THR A 33 17.80 -11.54 -6.41
N VAL A 34 16.71 -12.28 -6.34
CA VAL A 34 16.76 -13.74 -6.34
C VAL A 34 17.33 -14.24 -7.66
N ASN A 35 17.28 -13.41 -8.70
CA ASN A 35 17.80 -13.76 -10.02
C ASN A 35 19.28 -13.40 -10.17
N GLY A 36 19.81 -12.70 -9.18
CA GLY A 36 21.21 -12.30 -9.23
C GLY A 36 21.44 -10.92 -9.82
N ASP A 37 20.36 -10.23 -10.18
CA ASP A 37 20.47 -8.90 -10.76
C ASP A 37 20.56 -7.83 -9.68
N PRO A 38 21.22 -6.70 -9.97
CA PRO A 38 21.31 -5.66 -8.95
C PRO A 38 19.93 -5.13 -8.59
N VAL A 39 19.68 -4.95 -7.29
CA VAL A 39 18.42 -4.40 -6.85
C VAL A 39 18.49 -2.90 -7.15
N LYS A 40 17.54 -2.41 -7.93
CA LYS A 40 17.51 -0.99 -8.29
C LYS A 40 17.06 -0.19 -7.08
N LYS A 41 17.86 0.79 -6.68
CA LYS A 41 17.52 1.60 -5.53
C LYS A 41 17.49 3.09 -5.85
N VAL A 42 16.47 3.76 -5.32
CA VAL A 42 16.32 5.19 -5.53
C VAL A 42 16.34 5.89 -4.17
N ILE A 43 16.77 7.15 -4.19
CA ILE A 43 16.79 7.93 -2.98
C ILE A 43 15.37 8.45 -2.78
N CYS A 44 14.85 8.28 -1.57
CA CYS A 44 13.51 8.75 -1.25
C CYS A 44 13.60 9.50 0.07
N THR A 45 13.26 10.79 0.04
CA THR A 45 13.30 11.60 1.25
C THR A 45 11.98 11.48 1.99
N GLY A 46 12.05 11.47 3.31
CA GLY A 46 10.82 11.37 4.09
C GLY A 46 11.10 11.22 5.57
N PRO A 47 10.05 11.18 6.40
CA PRO A 47 10.25 11.05 7.85
C PRO A 47 10.92 9.71 8.21
N ASN A 48 11.74 9.73 9.24
CA ASN A 48 12.45 8.53 9.69
C ASN A 48 11.56 7.69 10.60
N ARG A 56 9.21 15.18 14.02
CA ARG A 56 10.06 14.08 13.58
C ARG A 56 11.29 14.61 12.85
N HIS A 57 11.82 13.79 11.94
CA HIS A 57 12.99 14.17 11.16
C HIS A 57 12.91 13.60 9.75
N THR A 58 13.00 14.48 8.75
CA THR A 58 12.95 14.05 7.36
C THR A 58 14.36 13.95 6.81
N VAL A 59 14.71 12.80 6.26
CA VAL A 59 16.05 12.57 5.73
C VAL A 59 16.02 11.68 4.49
N PRO A 60 17.13 11.67 3.73
CA PRO A 60 17.22 10.83 2.52
C PRO A 60 17.31 9.38 2.96
N GLN A 61 16.55 8.51 2.30
CA GLN A 61 16.55 7.09 2.62
C GLN A 61 16.60 6.30 1.30
N CYS A 62 16.76 4.99 1.41
CA CYS A 62 16.82 4.13 0.23
C CYS A 62 15.51 3.40 0.01
N CYS A 63 14.98 3.50 -1.20
CA CYS A 63 13.73 2.83 -1.54
C CYS A 63 13.91 1.86 -2.69
N TYR A 64 13.20 0.73 -2.62
CA TYR A 64 13.28 -0.29 -3.67
C TYR A 64 12.06 -1.22 -3.52
N GLY A 65 11.83 -2.05 -4.53
CA GLY A 65 10.70 -2.96 -4.47
C GLY A 65 9.90 -2.96 -5.75
N PHE A 66 8.79 -3.69 -5.74
CA PHE A 66 7.91 -3.83 -6.89
C PHE A 66 7.54 -2.48 -7.51
N CYS A 67 7.04 -1.56 -6.68
CA CYS A 67 6.64 -0.26 -7.19
C CYS A 67 7.79 0.63 -7.64
N ILE A 68 8.97 0.44 -7.06
CA ILE A 68 10.11 1.24 -7.49
C ILE A 68 10.59 0.74 -8.86
N ASP A 69 10.58 -0.57 -9.08
CA ASP A 69 10.94 -1.12 -10.38
C ASP A 69 9.94 -0.60 -11.42
N LEU A 70 8.67 -0.53 -11.02
CA LEU A 70 7.64 -0.04 -11.92
C LEU A 70 7.88 1.43 -12.27
N LEU A 71 8.20 2.22 -11.25
CA LEU A 71 8.49 3.64 -11.46
C LEU A 71 9.62 3.82 -12.46
N ILE A 72 10.71 3.06 -12.27
CA ILE A 72 11.84 3.15 -13.16
C ILE A 72 11.46 2.79 -14.59
N LYS A 73 10.60 1.79 -14.76
CA LYS A 73 10.14 1.37 -16.08
C LYS A 73 9.31 2.49 -16.72
N LEU A 74 8.42 3.09 -15.94
CA LEU A 74 7.57 4.16 -16.44
C LEU A 74 8.41 5.36 -16.86
N ALA A 75 9.35 5.76 -16.00
CA ALA A 75 10.21 6.90 -16.29
C ALA A 75 10.99 6.71 -17.58
N ARG A 76 11.48 5.49 -17.80
CA ARG A 76 12.26 5.18 -19.01
C ARG A 76 11.36 5.19 -20.25
N THR A 77 10.23 4.50 -20.17
CA THR A 77 9.30 4.41 -21.28
C THR A 77 8.71 5.76 -21.69
N MET A 78 8.37 6.58 -20.71
CA MET A 78 7.77 7.89 -20.96
C MET A 78 8.77 9.03 -21.00
N ASN A 79 10.04 8.70 -20.83
CA ASN A 79 11.12 9.70 -20.88
C ASN A 79 10.96 10.88 -19.92
N PHE A 80 10.77 10.61 -18.63
CA PHE A 80 10.65 11.70 -17.68
C PHE A 80 11.61 11.49 -16.51
N THR A 81 11.99 12.60 -15.87
CA THR A 81 12.88 12.55 -14.72
C THR A 81 12.00 12.71 -13.49
N TYR A 82 12.52 12.33 -12.33
CA TYR A 82 11.71 12.39 -11.12
C TYR A 82 12.52 12.52 -9.82
N GLU A 83 11.79 12.79 -8.74
CA GLU A 83 12.32 12.90 -7.38
C GLU A 83 11.29 12.18 -6.52
N VAL A 84 11.73 11.24 -5.70
CA VAL A 84 10.80 10.49 -4.87
C VAL A 84 10.81 10.89 -3.41
N HIS A 85 9.63 11.01 -2.80
CA HIS A 85 9.56 11.29 -1.38
C HIS A 85 8.44 10.46 -0.76
N LEU A 86 8.57 10.19 0.53
CA LEU A 86 7.57 9.41 1.25
C LEU A 86 6.52 10.36 1.82
N VAL A 87 5.26 9.97 1.70
CA VAL A 87 4.15 10.79 2.20
C VAL A 87 4.45 11.26 3.63
N ALA A 88 4.33 12.57 3.85
CA ALA A 88 4.63 13.15 5.15
C ALA A 88 3.84 12.60 6.34
N ASP A 89 2.54 12.38 6.16
CA ASP A 89 1.73 11.88 7.27
C ASP A 89 1.66 10.36 7.33
N GLY A 90 2.36 9.70 6.41
CA GLY A 90 2.40 8.25 6.37
C GLY A 90 1.13 7.50 6.01
N LYS A 91 0.13 8.20 5.49
CA LYS A 91 -1.15 7.57 5.14
C LYS A 91 -1.42 7.46 3.64
N PHE A 92 -2.34 6.57 3.29
CA PHE A 92 -2.71 6.38 1.88
C PHE A 92 -3.66 7.51 1.47
N GLY A 93 -4.72 7.72 2.24
CA GLY A 93 -5.64 8.80 1.92
C GLY A 93 -7.14 8.60 2.01
N THR A 94 -7.77 9.44 2.82
CA THR A 94 -9.22 9.47 2.97
C THR A 94 -9.58 10.95 3.06
N GLN A 95 -10.86 11.26 2.87
CA GLN A 95 -11.31 12.64 2.93
C GLN A 95 -11.94 12.90 4.30
N GLU A 96 -11.49 13.96 4.97
CA GLU A 96 -12.02 14.28 6.29
C GLU A 96 -12.15 15.77 6.53
N ARG A 97 -12.97 16.12 7.50
CA ARG A 97 -13.14 17.53 7.87
C ARG A 97 -11.83 17.91 8.55
N VAL A 98 -11.38 19.14 8.31
CA VAL A 98 -10.14 19.61 8.91
C VAL A 98 -10.32 20.85 9.76
N ASN A 99 -9.34 21.10 10.61
CA ASN A 99 -9.33 22.28 11.47
C ASN A 99 -10.62 22.52 12.23
N ASN A 100 -11.25 21.44 12.69
CA ASN A 100 -12.50 21.54 13.44
C ASN A 100 -13.56 22.37 12.71
N SER A 101 -13.58 22.25 11.39
CA SER A 101 -14.54 22.98 10.58
C SER A 101 -15.31 21.98 9.72
N ASN A 102 -16.08 22.47 8.77
CA ASN A 102 -16.83 21.60 7.88
C ASN A 102 -16.12 21.46 6.55
N LYS A 103 -14.97 22.12 6.43
CA LYS A 103 -14.15 22.06 5.22
C LYS A 103 -13.50 20.68 5.15
N LYS A 104 -13.61 20.03 4.01
CA LYS A 104 -13.04 18.70 3.83
C LYS A 104 -11.81 18.71 2.94
N GLU A 105 -10.80 17.94 3.33
CA GLU A 105 -9.58 17.82 2.57
C GLU A 105 -9.11 16.38 2.64
N TRP A 106 -8.34 15.97 1.65
CA TRP A 106 -7.80 14.63 1.63
C TRP A 106 -6.46 14.62 2.35
N ASN A 107 -6.22 13.55 3.09
CA ASN A 107 -4.96 13.39 3.81
C ASN A 107 -4.13 12.37 3.01
N GLY A 108 -2.98 11.97 3.56
CA GLY A 108 -2.16 10.99 2.88
C GLY A 108 -1.66 11.37 1.50
N MET A 109 -1.35 10.37 0.68
CA MET A 109 -0.86 10.60 -0.67
C MET A 109 -1.89 11.30 -1.54
N MET A 110 -3.16 11.03 -1.28
CA MET A 110 -4.24 11.67 -2.02
C MET A 110 -4.14 13.19 -1.83
N GLY A 111 -3.98 13.61 -0.57
CA GLY A 111 -3.88 15.03 -0.27
C GLY A 111 -2.67 15.68 -0.93
N GLU A 112 -1.53 15.01 -0.90
CA GLU A 112 -0.32 15.56 -1.49
C GLU A 112 -0.44 15.71 -3.01
N LEU A 113 -1.12 14.76 -3.65
CA LEU A 113 -1.29 14.83 -5.09
C LEU A 113 -2.19 16.01 -5.45
N LEU A 114 -3.29 16.17 -4.71
CA LEU A 114 -4.23 17.25 -4.97
C LEU A 114 -3.67 18.63 -4.65
N SER A 115 -2.75 18.71 -3.70
CA SER A 115 -2.17 20.00 -3.31
C SER A 115 -0.99 20.40 -4.19
N GLY A 116 -0.43 19.45 -4.93
CA GLY A 116 0.70 19.75 -5.77
C GLY A 116 2.02 19.34 -5.14
N GLN A 117 1.97 18.82 -3.92
CA GLN A 117 3.20 18.36 -3.25
C GLN A 117 3.74 17.17 -4.02
N ALA A 118 2.85 16.51 -4.77
CA ALA A 118 3.23 15.37 -5.59
C ALA A 118 2.57 15.52 -6.95
N ASP A 119 3.22 14.98 -7.98
CA ASP A 119 2.67 15.02 -9.33
C ASP A 119 2.12 13.64 -9.71
N MET A 120 2.61 12.60 -9.04
CA MET A 120 2.16 11.25 -9.34
C MET A 120 2.33 10.39 -8.11
N ILE A 121 1.37 9.50 -7.88
CA ILE A 121 1.44 8.57 -6.75
C ILE A 121 1.84 7.22 -7.33
N VAL A 122 2.99 6.71 -6.91
CA VAL A 122 3.44 5.40 -7.38
C VAL A 122 3.60 4.54 -6.13
N ALA A 123 2.58 3.73 -5.87
CA ALA A 123 2.54 2.89 -4.68
C ALA A 123 1.38 1.92 -4.81
N PRO A 124 1.21 1.02 -3.83
CA PRO A 124 0.10 0.08 -3.91
C PRO A 124 -1.16 0.84 -3.48
N LEU A 125 -1.60 1.74 -4.36
CA LEU A 125 -2.75 2.60 -4.13
C LEU A 125 -4.03 1.98 -4.68
N THR A 126 -4.98 1.71 -3.81
CA THR A 126 -6.24 1.11 -4.20
C THR A 126 -7.14 2.03 -5.01
N ILE A 127 -7.64 1.50 -6.12
CA ILE A 127 -8.55 2.24 -7.00
C ILE A 127 -9.96 2.08 -6.41
N ASN A 128 -10.60 3.18 -6.05
CA ASN A 128 -11.97 3.11 -5.54
C ASN A 128 -12.76 4.30 -6.08
N THR A 129 -14.07 4.23 -6.00
CA THR A 129 -14.94 5.28 -6.51
C THR A 129 -14.77 6.65 -5.84
N GLU A 130 -14.61 6.65 -4.52
CA GLU A 130 -14.44 7.90 -3.78
C GLU A 130 -13.23 8.69 -4.29
N ARG A 131 -12.10 8.02 -4.41
CA ARG A 131 -10.88 8.65 -4.88
C ARG A 131 -10.97 9.06 -6.34
N ALA A 132 -11.64 8.25 -7.16
CA ALA A 132 -11.79 8.53 -8.58
C ALA A 132 -12.61 9.80 -8.83
N GLN A 133 -13.32 10.27 -7.81
CA GLN A 133 -14.11 11.49 -7.95
C GLN A 133 -13.18 12.70 -7.89
N TYR A 134 -11.99 12.52 -7.34
CA TYR A 134 -11.04 13.62 -7.19
C TYR A 134 -9.76 13.53 -8.01
N ILE A 135 -9.32 12.30 -8.30
CA ILE A 135 -8.10 12.12 -9.08
C ILE A 135 -8.36 11.10 -10.18
N GLU A 136 -7.35 10.88 -11.01
CA GLU A 136 -7.44 9.92 -12.10
C GLU A 136 -6.49 8.77 -11.84
N PHE A 137 -6.93 7.56 -12.18
CA PHE A 137 -6.12 6.37 -12.00
C PHE A 137 -5.77 5.75 -13.33
N SER A 138 -4.64 5.08 -13.38
CA SER A 138 -4.24 4.36 -14.59
C SER A 138 -5.05 3.07 -14.47
N LYS A 139 -4.98 2.23 -15.49
CA LYS A 139 -5.64 0.95 -15.41
C LYS A 139 -4.84 0.23 -14.31
N PRO A 140 -5.41 -0.80 -13.68
CA PRO A 140 -4.68 -1.51 -12.62
C PRO A 140 -3.35 -2.10 -13.03
N PHE A 141 -2.32 -1.93 -12.20
CA PHE A 141 -1.03 -2.53 -12.51
C PHE A 141 -0.95 -3.86 -11.74
N LYS A 142 -1.88 -4.05 -10.82
CA LYS A 142 -1.98 -5.28 -10.03
C LYS A 142 -3.42 -5.54 -9.64
N TYR A 143 -3.85 -6.79 -9.79
CA TYR A 143 -5.21 -7.20 -9.44
C TYR A 143 -5.15 -7.95 -8.12
N GLN A 144 -5.91 -7.51 -7.13
CA GLN A 144 -5.92 -8.16 -5.83
C GLN A 144 -7.24 -7.96 -5.11
N GLY A 145 -7.21 -7.86 -3.80
CA GLY A 145 -8.43 -7.68 -3.05
C GLY A 145 -8.18 -7.51 -1.57
N LEU A 146 -9.17 -7.84 -0.75
CA LEU A 146 -9.05 -7.73 0.69
C LEU A 146 -9.13 -9.10 1.33
N THR A 147 -8.35 -9.30 2.38
CA THR A 147 -8.37 -10.55 3.11
C THR A 147 -8.06 -10.26 4.57
N ILE A 148 -7.89 -11.30 5.38
CA ILE A 148 -7.64 -11.14 6.80
C ILE A 148 -6.42 -11.91 7.27
N LEU A 149 -5.57 -11.24 8.06
CA LEU A 149 -4.35 -11.83 8.59
C LEU A 149 -4.54 -12.18 10.07
N VAL A 150 -4.18 -13.41 10.44
CA VAL A 150 -4.29 -13.85 11.82
C VAL A 150 -3.08 -14.68 12.18
N LYS A 151 -2.90 -14.93 13.48
CA LYS A 151 -1.78 -15.73 13.95
C LYS A 151 -2.16 -17.18 13.64
N LYS A 152 -1.17 -17.98 13.24
CA LYS A 152 -1.43 -19.39 12.95
C LYS A 152 -2.11 -20.02 14.16
N GLY A 153 -3.23 -20.71 13.94
CA GLY A 153 -3.95 -21.32 15.04
C GLY A 153 -5.29 -20.67 15.27
N THR A 154 -5.36 -19.36 15.01
CA THR A 154 -6.61 -18.62 15.18
C THR A 154 -7.62 -19.14 14.17
N ARG A 155 -8.79 -19.53 14.65
CA ARG A 155 -9.83 -20.06 13.78
C ARG A 155 -10.88 -19.04 13.37
N ILE A 156 -10.75 -18.53 12.15
CA ILE A 156 -11.68 -17.55 11.60
C ILE A 156 -12.09 -18.03 10.21
N THR A 157 -13.40 -18.00 9.93
CA THR A 157 -13.90 -18.44 8.63
C THR A 157 -13.63 -17.39 7.56
N GLY A 158 -13.81 -16.13 7.94
CA GLY A 158 -13.59 -15.04 7.01
C GLY A 158 -14.27 -13.78 7.52
N ILE A 159 -14.63 -12.88 6.61
CA ILE A 159 -15.26 -11.63 6.98
C ILE A 159 -16.64 -11.82 7.62
N ASN A 160 -17.19 -13.03 7.49
CA ASN A 160 -18.52 -13.33 8.03
C ASN A 160 -18.47 -14.09 9.35
N ASP A 161 -17.27 -14.26 9.90
CA ASP A 161 -17.12 -14.99 11.16
C ASP A 161 -17.81 -14.26 12.32
N PRO A 162 -18.51 -15.00 13.18
CA PRO A 162 -19.23 -14.43 14.32
C PRO A 162 -18.39 -13.52 15.23
N ARG A 163 -17.10 -13.81 15.35
CA ARG A 163 -16.24 -12.98 16.19
C ARG A 163 -15.93 -11.63 15.56
N LEU A 164 -16.33 -11.46 14.31
CA LEU A 164 -16.12 -10.20 13.61
C LEU A 164 -17.48 -9.51 13.48
N ARG A 165 -18.52 -10.31 13.22
CA ARG A 165 -19.88 -9.78 13.06
C ARG A 165 -20.54 -9.46 14.39
N ASN A 166 -20.08 -10.10 15.47
CA ASN A 166 -20.61 -9.87 16.81
C ASN A 166 -19.42 -9.45 17.67
N PRO A 167 -18.85 -8.26 17.38
CA PRO A 167 -17.70 -7.66 18.06
C PRO A 167 -17.68 -7.76 19.58
N SER A 168 -16.50 -8.10 20.10
CA SER A 168 -16.28 -8.24 21.53
C SER A 168 -14.85 -7.86 21.87
N ASP A 169 -14.63 -7.37 23.09
CA ASP A 169 -13.30 -6.97 23.53
C ASP A 169 -12.39 -8.19 23.67
N LYS A 170 -12.97 -9.38 23.51
CA LYS A 170 -12.21 -10.62 23.62
C LYS A 170 -11.41 -10.89 22.36
N PHE A 171 -11.98 -10.52 21.21
CA PHE A 171 -11.33 -10.74 19.92
C PHE A 171 -11.23 -9.39 19.20
N ILE A 172 -10.05 -8.78 19.25
CA ILE A 172 -9.83 -7.48 18.63
C ILE A 172 -9.33 -7.56 17.19
N TYR A 173 -9.98 -6.79 16.32
CA TYR A 173 -9.59 -6.74 14.92
C TYR A 173 -9.56 -5.28 14.47
N ALA A 174 -8.78 -5.00 13.43
CA ALA A 174 -8.66 -3.64 12.94
C ALA A 174 -8.01 -3.57 11.57
N THR A 175 -7.85 -2.35 11.07
CA THR A 175 -7.21 -2.10 9.80
C THR A 175 -6.31 -0.89 10.00
N VAL A 176 -5.89 -0.25 8.91
CA VAL A 176 -5.03 0.93 9.02
C VAL A 176 -5.87 2.20 8.86
N LYS A 177 -5.60 3.19 9.72
CA LYS A 177 -6.31 4.46 9.68
C LYS A 177 -6.09 5.19 8.35
N GLN A 178 -7.09 5.95 7.94
CA GLN A 178 -7.02 6.75 6.73
C GLN A 178 -6.57 5.97 5.49
N SER A 179 -7.16 4.79 5.30
CA SER A 179 -6.85 3.94 4.16
C SER A 179 -8.15 3.60 3.45
N SER A 180 -8.05 2.97 2.28
CA SER A 180 -9.26 2.61 1.54
C SER A 180 -10.07 1.55 2.27
N VAL A 181 -9.40 0.73 3.07
CA VAL A 181 -10.10 -0.30 3.81
C VAL A 181 -10.98 0.34 4.87
N ASP A 182 -10.48 1.39 5.51
CA ASP A 182 -11.24 2.10 6.51
C ASP A 182 -12.55 2.58 5.88
N ILE A 183 -12.45 3.17 4.69
CA ILE A 183 -13.61 3.67 3.97
C ILE A 183 -14.55 2.58 3.48
N TYR A 184 -13.98 1.44 3.08
CA TYR A 184 -14.79 0.32 2.61
C TYR A 184 -15.84 -0.03 3.65
N PHE A 185 -15.43 -0.05 4.91
CA PHE A 185 -16.35 -0.39 6.00
C PHE A 185 -17.20 0.80 6.44
N ARG A 186 -16.61 1.99 6.40
CA ARG A 186 -17.31 3.20 6.81
C ARG A 186 -18.49 3.53 5.89
N ARG A 187 -18.33 3.25 4.60
CA ARG A 187 -19.38 3.53 3.62
C ARG A 187 -20.32 2.36 3.38
N GLN A 188 -20.60 1.58 4.41
CA GLN A 188 -21.51 0.45 4.30
C GLN A 188 -22.26 0.20 5.60
N VAL A 189 -23.54 0.58 5.61
CA VAL A 189 -24.39 0.40 6.78
C VAL A 189 -24.36 -1.04 7.30
N GLU A 190 -24.31 -1.99 6.37
CA GLU A 190 -24.28 -3.40 6.74
C GLU A 190 -23.03 -3.75 7.53
N LEU A 191 -22.06 -2.85 7.54
CA LEU A 191 -20.80 -3.08 8.25
C LEU A 191 -20.60 -2.07 9.38
N SER A 192 -21.69 -1.44 9.81
CA SER A 192 -21.64 -0.44 10.87
C SER A 192 -21.07 -0.99 12.17
N THR A 193 -21.54 -2.17 12.59
CA THR A 193 -21.07 -2.79 13.83
C THR A 193 -19.58 -3.06 13.78
N MET A 194 -19.10 -3.54 12.64
CA MET A 194 -17.67 -3.84 12.48
C MET A 194 -16.87 -2.55 12.47
N TYR A 195 -17.34 -1.57 11.70
CA TYR A 195 -16.67 -0.28 11.58
C TYR A 195 -16.49 0.36 12.96
N ARG A 196 -17.55 0.33 13.77
CA ARG A 196 -17.51 0.92 15.10
C ARG A 196 -16.46 0.25 15.98
N HIS A 197 -16.22 -1.04 15.76
CA HIS A 197 -15.24 -1.78 16.54
C HIS A 197 -13.81 -1.43 16.15
N MET A 198 -13.52 -1.46 14.86
CA MET A 198 -12.19 -1.15 14.38
C MET A 198 -11.78 0.29 14.66
N GLU A 199 -12.75 1.19 14.66
CA GLU A 199 -12.49 2.61 14.90
C GLU A 199 -11.70 2.83 16.18
N LYS A 200 -11.87 1.95 17.16
CA LYS A 200 -11.17 2.07 18.42
C LYS A 200 -9.86 1.29 18.48
N HIS A 201 -9.52 0.60 17.39
CA HIS A 201 -8.30 -0.20 17.37
C HIS A 201 -7.40 0.00 16.15
N ASN A 202 -7.84 0.77 15.16
CA ASN A 202 -7.03 0.96 13.96
C ASN A 202 -5.60 1.44 14.22
N TYR A 203 -4.69 0.96 13.38
CA TYR A 203 -3.27 1.31 13.49
C TYR A 203 -2.84 2.39 12.51
N GLU A 204 -1.68 3.00 12.78
CA GLU A 204 -1.14 4.06 11.94
C GLU A 204 -0.50 3.54 10.66
N SER A 205 -0.05 2.29 10.68
CA SER A 205 0.57 1.69 9.51
C SER A 205 0.36 0.19 9.46
N ALA A 206 0.50 -0.38 8.27
CA ALA A 206 0.33 -1.81 8.09
C ALA A 206 1.40 -2.58 8.87
N ALA A 207 2.63 -2.09 8.83
CA ALA A 207 3.73 -2.75 9.55
C ALA A 207 3.41 -2.93 11.04
N GLU A 208 2.90 -1.88 11.67
CA GLU A 208 2.59 -1.95 13.09
C GLU A 208 1.46 -2.94 13.37
N ALA A 209 0.45 -2.97 12.50
CA ALA A 209 -0.67 -3.88 12.68
C ALA A 209 -0.21 -5.33 12.55
N ILE A 210 0.63 -5.59 11.56
CA ILE A 210 1.15 -6.94 11.34
C ILE A 210 1.97 -7.38 12.54
N GLN A 211 2.79 -6.48 13.07
CA GLN A 211 3.61 -6.80 14.24
C GLN A 211 2.70 -7.11 15.42
N ALA A 212 1.60 -6.36 15.55
CA ALA A 212 0.65 -6.57 16.64
C ALA A 212 0.02 -7.96 16.57
N VAL A 213 -0.28 -8.44 15.37
CA VAL A 213 -0.86 -9.77 15.24
C VAL A 213 0.18 -10.78 15.69
N ARG A 214 1.42 -10.57 15.27
CA ARG A 214 2.52 -11.46 15.63
C ARG A 214 2.76 -11.48 17.13
N ASP A 215 2.61 -10.34 17.78
CA ASP A 215 2.81 -10.23 19.23
C ASP A 215 1.56 -10.56 20.04
N ASN A 216 0.51 -11.00 19.36
CA ASN A 216 -0.75 -11.35 20.02
C ASN A 216 -1.46 -10.18 20.66
N LYS A 217 -1.23 -8.97 20.14
CA LYS A 217 -1.89 -7.78 20.66
C LYS A 217 -3.09 -7.42 19.79
N LEU A 218 -3.10 -7.97 18.58
CA LEU A 218 -4.19 -7.76 17.63
C LEU A 218 -4.54 -9.17 17.13
N HIS A 219 -5.82 -9.53 17.20
CA HIS A 219 -6.21 -10.87 16.77
C HIS A 219 -6.44 -11.03 15.27
N ALA A 220 -6.87 -9.97 14.60
CA ALA A 220 -7.10 -10.03 13.17
C ALA A 220 -6.87 -8.67 12.51
N PHE A 221 -6.15 -8.67 11.40
CA PHE A 221 -5.84 -7.46 10.65
C PHE A 221 -6.44 -7.59 9.26
N ILE A 222 -7.38 -6.69 8.94
CA ILE A 222 -8.05 -6.67 7.64
C ILE A 222 -7.28 -5.73 6.72
N TRP A 223 -6.81 -6.24 5.59
CA TRP A 223 -5.97 -5.43 4.71
C TRP A 223 -5.85 -6.01 3.29
N ASP A 224 -5.06 -5.33 2.45
CA ASP A 224 -4.84 -5.75 1.06
C ASP A 224 -4.24 -7.15 0.98
N SER A 225 -4.84 -8.01 0.16
CA SER A 225 -4.36 -9.37 0.00
C SER A 225 -2.97 -9.43 -0.63
N ALA A 226 -2.65 -8.49 -1.51
CA ALA A 226 -1.33 -8.52 -2.15
C ALA A 226 -0.24 -8.37 -1.08
N VAL A 227 -0.52 -7.57 -0.06
CA VAL A 227 0.42 -7.36 1.03
C VAL A 227 0.33 -8.47 2.07
N LEU A 228 -0.89 -8.81 2.49
CA LEU A 228 -1.06 -9.84 3.51
C LEU A 228 -0.60 -11.23 3.09
N GLU A 229 -0.86 -11.62 1.84
CA GLU A 229 -0.43 -12.94 1.41
C GLU A 229 1.10 -13.00 1.34
N PHE A 230 1.74 -11.88 1.01
CA PHE A 230 3.21 -11.87 0.97
C PHE A 230 3.73 -12.01 2.40
N GLU A 231 3.21 -11.19 3.31
CA GLU A 231 3.62 -11.22 4.71
C GLU A 231 3.41 -12.61 5.30
N ALA A 232 2.23 -13.19 5.09
CA ALA A 232 1.94 -14.51 5.61
C ALA A 232 2.83 -15.58 5.00
N SER A 233 3.22 -15.40 3.74
CA SER A 233 4.06 -16.38 3.08
C SER A 233 5.54 -16.28 3.48
N GLN A 234 5.90 -15.19 4.15
CA GLN A 234 7.28 -15.00 4.57
C GLN A 234 7.46 -15.26 6.06
N LYS A 235 6.34 -15.33 6.78
CA LYS A 235 6.36 -15.54 8.22
C LYS A 235 5.43 -16.71 8.51
N CYS A 236 6.02 -17.85 8.88
CA CYS A 236 5.22 -19.04 9.11
C CYS A 236 4.33 -19.05 10.34
N ASP A 237 4.35 -17.98 11.12
CA ASP A 237 3.52 -17.85 12.31
C ASP A 237 2.27 -17.05 11.96
N LEU A 238 2.23 -16.55 10.72
CA LEU A 238 1.10 -15.76 10.25
C LEU A 238 0.44 -16.41 9.03
N VAL A 239 -0.89 -16.35 8.98
CA VAL A 239 -1.64 -16.90 7.86
C VAL A 239 -2.79 -15.97 7.51
N THR A 240 -3.37 -16.18 6.33
CA THR A 240 -4.53 -15.40 5.91
C THR A 240 -5.72 -16.34 5.85
N THR A 241 -6.92 -15.78 5.82
CA THR A 241 -8.14 -16.57 5.81
C THR A 241 -8.53 -17.18 4.47
N GLY A 242 -7.61 -17.14 3.49
CA GLY A 242 -7.90 -17.74 2.20
C GLY A 242 -8.51 -16.87 1.12
N GLU A 243 -9.71 -17.23 0.68
CA GLU A 243 -10.42 -16.49 -0.37
C GLU A 243 -10.70 -15.04 -0.02
N LEU A 244 -10.45 -14.15 -1.00
CA LEU A 244 -10.66 -12.72 -0.83
C LEU A 244 -12.15 -12.44 -0.75
N PHE A 245 -12.54 -11.49 0.10
CA PHE A 245 -13.96 -11.16 0.24
C PHE A 245 -14.36 -9.93 -0.58
N PHE A 246 -13.39 -9.38 -1.29
CA PHE A 246 -13.61 -8.23 -2.14
C PHE A 246 -12.42 -8.08 -3.09
N ARG A 247 -12.68 -7.63 -4.31
CA ARG A 247 -11.63 -7.48 -5.30
C ARG A 247 -11.40 -6.01 -5.63
N SER A 248 -10.14 -5.65 -5.78
CA SER A 248 -9.76 -4.28 -6.10
C SER A 248 -8.40 -4.29 -6.75
N GLY A 249 -8.10 -3.24 -7.51
CA GLY A 249 -6.81 -3.17 -8.15
C GLY A 249 -6.01 -2.00 -7.63
N PHE A 250 -4.70 -2.04 -7.87
CA PHE A 250 -3.80 -0.96 -7.49
C PHE A 250 -3.54 -0.19 -8.77
N GLY A 251 -3.54 1.14 -8.68
CA GLY A 251 -3.27 1.92 -9.87
C GLY A 251 -2.37 3.10 -9.58
N ILE A 252 -1.82 3.70 -10.64
CA ILE A 252 -0.99 4.88 -10.51
C ILE A 252 -1.96 6.05 -10.38
N GLY A 253 -1.67 6.99 -9.49
CA GLY A 253 -2.57 8.12 -9.29
C GLY A 253 -2.01 9.42 -9.84
N MET A 254 -2.87 10.19 -10.51
CA MET A 254 -2.49 11.47 -11.09
C MET A 254 -3.65 12.44 -10.94
N ARG A 255 -3.38 13.74 -11.05
CA ARG A 255 -4.47 14.71 -10.96
C ARG A 255 -5.31 14.56 -12.21
N LYS A 256 -6.58 14.96 -12.14
CA LYS A 256 -7.43 14.86 -13.31
C LYS A 256 -6.89 15.75 -14.43
N ASP A 257 -7.13 15.33 -15.67
CA ASP A 257 -6.69 16.06 -16.84
C ASP A 257 -5.16 16.17 -16.90
N SER A 258 -4.49 15.14 -16.41
CA SER A 258 -3.03 15.10 -16.41
C SER A 258 -2.54 14.74 -17.81
N PRO A 259 -1.32 15.14 -18.14
CA PRO A 259 -0.76 14.85 -19.45
C PRO A 259 -0.09 13.47 -19.48
N TRP A 260 -0.11 12.78 -18.35
CA TRP A 260 0.52 11.46 -18.24
C TRP A 260 -0.41 10.26 -18.26
N LYS A 261 -1.69 10.49 -17.99
CA LYS A 261 -2.69 9.42 -17.94
C LYS A 261 -2.63 8.36 -19.05
N GLN A 262 -2.80 8.80 -20.29
CA GLN A 262 -2.79 7.88 -21.43
C GLN A 262 -1.50 7.07 -21.55
N ASN A 263 -0.37 7.74 -21.44
CA ASN A 263 0.91 7.06 -21.56
C ASN A 263 1.22 6.12 -20.40
N VAL A 264 0.75 6.45 -19.21
CA VAL A 264 0.97 5.57 -18.06
C VAL A 264 0.20 4.27 -18.29
N SER A 265 -1.07 4.39 -18.68
CA SER A 265 -1.87 3.19 -18.92
C SER A 265 -1.33 2.38 -20.09
N LEU A 266 -0.77 3.05 -21.11
CA LEU A 266 -0.20 2.33 -22.25
C LEU A 266 0.99 1.49 -21.77
N SER A 267 1.80 2.07 -20.90
CA SER A 267 2.97 1.36 -20.37
C SER A 267 2.52 0.16 -19.54
N ILE A 268 1.52 0.38 -18.69
CA ILE A 268 1.01 -0.70 -17.85
C ILE A 268 0.42 -1.82 -18.72
N LEU A 269 -0.27 -1.45 -19.79
CA LEU A 269 -0.82 -2.44 -20.70
C LEU A 269 0.32 -3.30 -21.26
N LYS A 270 1.34 -2.65 -21.80
CA LYS A 270 2.48 -3.36 -22.36
C LYS A 270 3.11 -4.30 -21.33
N SER A 271 3.24 -3.82 -20.10
CA SER A 271 3.83 -4.64 -19.04
C SER A 271 3.00 -5.87 -18.69
N HIS A 272 1.68 -5.78 -18.84
CA HIS A 272 0.80 -6.93 -18.59
C HIS A 272 0.89 -7.89 -19.78
N GLU A 273 1.19 -7.35 -20.96
CA GLU A 273 1.28 -8.15 -22.18
C GLU A 273 2.58 -8.91 -22.41
N ASN A 274 3.70 -8.31 -22.01
CA ASN A 274 5.01 -8.90 -22.29
C ASN A 274 5.75 -9.64 -21.18
N GLY A 275 5.10 -9.86 -20.05
CA GLY A 275 5.74 -10.58 -18.97
C GLY A 275 6.46 -9.73 -17.92
N PHE A 276 6.54 -8.43 -18.14
CA PHE A 276 7.24 -7.58 -17.18
C PHE A 276 6.58 -7.61 -15.80
N MET A 277 5.26 -7.48 -15.75
CA MET A 277 4.56 -7.50 -14.47
C MET A 277 4.71 -8.87 -13.82
N GLU A 278 4.62 -9.92 -14.63
CA GLU A 278 4.76 -11.28 -14.12
C GLU A 278 6.15 -11.46 -13.50
N ASP A 279 7.16 -10.91 -14.17
CA ASP A 279 8.52 -11.02 -13.66
C ASP A 279 8.67 -10.27 -12.34
N LEU A 280 7.95 -9.16 -12.18
CA LEU A 280 8.02 -8.42 -10.93
C LEU A 280 7.48 -9.29 -9.80
N ASP A 281 6.46 -10.08 -10.09
CA ASP A 281 5.90 -10.97 -9.07
C ASP A 281 6.91 -12.04 -8.67
N LYS A 282 7.63 -12.59 -9.66
CA LYS A 282 8.61 -13.63 -9.37
C LYS A 282 9.84 -13.07 -8.66
N THR A 283 10.04 -11.75 -8.76
CA THR A 283 11.19 -11.11 -8.13
C THR A 283 10.88 -10.62 -6.71
N TRP A 284 9.70 -10.04 -6.55
CA TRP A 284 9.31 -9.44 -5.28
C TRP A 284 8.23 -10.12 -4.45
N VAL A 285 7.48 -11.03 -5.04
CA VAL A 285 6.39 -11.65 -4.30
C VAL A 285 6.49 -13.14 -4.03
N ARG A 286 6.62 -13.94 -5.08
CA ARG A 286 6.68 -15.38 -4.92
C ARG A 286 8.04 -15.90 -5.37
N TYR A 287 8.92 -16.14 -4.41
CA TYR A 287 10.26 -16.60 -4.76
C TYR A 287 10.98 -17.46 -3.72
N GLN A 288 10.46 -17.54 -2.50
CA GLN A 288 11.09 -18.36 -1.47
C GLN A 288 10.13 -18.74 -0.35
N GLU A 289 10.54 -19.68 0.49
CA GLU A 289 9.72 -20.11 1.60
C GLU A 289 9.86 -19.16 2.79
N CYS A 290 9.01 -19.32 3.79
CA CYS A 290 9.02 -18.44 4.96
C CYS A 290 10.34 -18.56 5.73
N ASP A 291 10.78 -17.45 6.30
CA ASP A 291 12.03 -17.43 7.05
C ASP A 291 12.18 -16.14 7.87
N SER A 292 11.12 -15.35 7.95
CA SER A 292 11.17 -14.10 8.69
C SER A 292 10.21 -14.03 9.87
N DSN B . -3.79 0.11 -0.58
CA DSN B . -4.34 0.84 0.59
C DSN B . -4.99 2.17 0.15
O DSN B . -5.51 2.86 1.02
OXT DSN B . -4.92 2.42 -1.08
CB DSN B . -5.29 -0.05 1.37
OG DSN B . -6.29 -0.62 0.56
#